data_3NFR
#
_entry.id   3NFR
#
_cell.length_a   56.057
_cell.length_b   83.206
_cell.length_c   106.465
_cell.angle_alpha   90.00
_cell.angle_beta   90.00
_cell.angle_gamma   90.00
#
_symmetry.space_group_name_H-M   'P 21 21 21'
#
loop_
_entity.id
_entity.type
_entity.pdbx_description
1 polymer 'Ribosyldihydronicotinamide dehydrogenase [quinone]'
2 non-polymer 'ZINC ION'
3 non-polymer 6,8-dimethoxy-1,4-dimethylquinolin-2(1H)-one
4 non-polymer 'FLAVIN-ADENINE DINUCLEOTIDE'
5 water water
#
_entity_poly.entity_id   1
_entity_poly.type   'polypeptide(L)'
_entity_poly.pdbx_seq_one_letter_code
;AGKKVLIVYAHQEPKSFNGSLKNVAVDELSRQGCTVTVSDLYAMNFEPRATDKDITGTLSNPEVFNYGVETHEAYKQRSL
ASDITDEQKKVREADLVIFQFPLYWFSVPAILKGWMDRVLCQGFAFDIPGFYDSGLLQGKLALLSVTTGGTAEMYTKTGV
NGDSRYFLWPLQHGTLHFCGFKVLAPQISFAPEIASEEERKGMVAAWSQRLQTIWKEEPIPCTAHWHFGQ
;
_entity_poly.pdbx_strand_id   A,B
#
loop_
_chem_comp.id
_chem_comp.type
_chem_comp.name
_chem_comp.formula
EWQ non-polymer 6,8-dimethoxy-1,4-dimethylquinolin-2(1H)-one 'C13 H15 N O3'
FAD non-polymer 'FLAVIN-ADENINE DINUCLEOTIDE' 'C27 H33 N9 O15 P2'
ZN non-polymer 'ZINC ION' 'Zn 2'
#
# COMPACT_ATOMS: atom_id res chain seq x y z
N ALA A 1 -25.63 -0.27 -18.57
CA ALA A 1 -26.82 0.64 -18.64
C ALA A 1 -28.14 -0.10 -18.31
N GLY A 2 -28.91 0.31 -17.29
CA GLY A 2 -28.69 1.51 -16.46
C GLY A 2 -27.72 1.32 -15.27
N LYS A 3 -26.45 1.51 -15.54
CA LYS A 3 -25.45 1.32 -14.51
C LYS A 3 -24.48 2.52 -14.39
N LYS A 4 -23.99 2.69 -13.19
CA LYS A 4 -23.02 3.77 -12.89
C LYS A 4 -21.63 3.14 -12.63
N VAL A 5 -20.63 3.77 -13.20
CA VAL A 5 -19.24 3.32 -12.96
C VAL A 5 -18.41 4.50 -12.45
N LEU A 6 -17.59 4.20 -11.46
CA LEU A 6 -16.55 5.18 -10.95
C LEU A 6 -15.21 4.57 -11.37
N ILE A 7 -14.37 5.31 -12.06
CA ILE A 7 -12.96 4.88 -12.38
C ILE A 7 -12.07 5.71 -11.45
N VAL A 8 -11.36 5.03 -10.51
CA VAL A 8 -10.37 5.79 -9.65
C VAL A 8 -9.03 5.55 -10.30
N TYR A 9 -8.42 6.61 -10.82
CA TYR A 9 -7.30 6.55 -11.69
C TYR A 9 -6.10 7.17 -11.07
N ALA A 10 -4.97 6.45 -11.07
CA ALA A 10 -3.76 6.92 -10.40
C ALA A 10 -2.55 6.80 -11.35
N HIS A 11 -2.45 7.74 -12.30
CA HIS A 11 -1.24 7.90 -13.07
C HIS A 11 -1.02 9.38 -13.41
N GLN A 12 0.28 9.76 -13.36
CA GLN A 12 0.65 11.13 -13.54
C GLN A 12 0.57 11.69 -14.97
N GLU A 13 0.64 10.79 -15.95
CA GLU A 13 0.75 11.17 -17.36
C GLU A 13 -0.44 10.72 -18.21
N PRO A 14 -1.15 11.66 -18.79
CA PRO A 14 -2.35 11.36 -19.63
C PRO A 14 -1.99 10.59 -20.90
N LYS A 15 -0.74 10.74 -21.36
CA LYS A 15 -0.27 9.98 -22.55
C LYS A 15 0.22 8.55 -22.25
N SER A 16 0.17 8.15 -20.97
CA SER A 16 0.63 6.83 -20.56
C SER A 16 -0.22 5.66 -20.99
N PHE A 17 0.34 4.47 -20.90
CA PHE A 17 -0.47 3.24 -21.09
C PHE A 17 -1.68 3.21 -20.13
N ASN A 18 -1.42 3.52 -18.84
CA ASN A 18 -2.55 3.67 -17.90
C ASN A 18 -3.63 4.67 -18.37
N GLY A 19 -3.20 5.83 -18.86
CA GLY A 19 -4.12 6.83 -19.37
C GLY A 19 -4.90 6.26 -20.53
N SER A 20 -4.22 5.55 -21.44
CA SER A 20 -4.98 4.92 -22.55
C SER A 20 -6.00 3.95 -22.06
N LEU A 21 -5.65 3.12 -21.05
CA LEU A 21 -6.62 2.19 -20.53
C LEU A 21 -7.84 2.90 -19.86
N LYS A 22 -7.56 3.97 -19.10
CA LYS A 22 -8.66 4.75 -18.47
C LYS A 22 -9.54 5.35 -19.58
N ASN A 23 -8.91 5.91 -20.61
CA ASN A 23 -9.68 6.59 -21.70
C ASN A 23 -10.49 5.61 -22.50
N VAL A 24 -9.98 4.39 -22.78
CA VAL A 24 -10.86 3.43 -23.49
C VAL A 24 -12.00 2.91 -22.64
N ALA A 25 -11.80 2.81 -21.31
CA ALA A 25 -12.84 2.43 -20.44
C ALA A 25 -13.95 3.52 -20.47
N VAL A 26 -13.53 4.78 -20.37
CA VAL A 26 -14.57 5.82 -20.43
C VAL A 26 -15.31 5.72 -21.75
N ASP A 27 -14.55 5.58 -22.83
CA ASP A 27 -15.13 5.57 -24.24
C ASP A 27 -16.11 4.43 -24.36
N GLU A 28 -15.73 3.20 -23.94
CA GLU A 28 -16.60 2.02 -24.16
C GLU A 28 -17.76 2.04 -23.20
N LEU A 29 -17.53 2.34 -21.92
CA LEU A 29 -18.63 2.40 -20.98
C LEU A 29 -19.59 3.55 -21.38
N SER A 30 -19.02 4.67 -21.86
CA SER A 30 -19.93 5.81 -22.27
C SER A 30 -20.77 5.35 -23.50
N ARG A 31 -20.12 4.68 -24.42
CA ARG A 31 -20.85 4.16 -25.61
C ARG A 31 -21.96 3.22 -25.25
N GLN A 32 -21.82 2.37 -24.23
CA GLN A 32 -22.88 1.45 -23.80
C GLN A 32 -24.06 2.22 -23.14
N GLY A 33 -23.91 3.54 -22.88
CA GLY A 33 -24.93 4.31 -22.15
C GLY A 33 -24.80 4.34 -20.63
N CYS A 34 -23.66 3.82 -20.09
CA CYS A 34 -23.50 3.86 -18.68
C CYS A 34 -23.15 5.25 -18.16
N THR A 35 -23.42 5.50 -16.91
CA THR A 35 -23.06 6.76 -16.26
C THR A 35 -21.60 6.61 -15.79
N VAL A 36 -20.70 7.49 -16.16
CA VAL A 36 -19.26 7.32 -15.88
C VAL A 36 -18.69 8.56 -15.18
N THR A 37 -17.90 8.32 -14.13
CA THR A 37 -17.19 9.37 -13.42
C THR A 37 -15.79 8.89 -13.17
N VAL A 38 -14.86 9.84 -13.26
CA VAL A 38 -13.40 9.49 -13.15
C VAL A 38 -12.83 10.34 -12.03
N SER A 39 -12.17 9.69 -11.09
CA SER A 39 -11.43 10.46 -9.98
C SER A 39 -9.99 10.33 -10.37
N ASP A 40 -9.47 11.38 -10.98
CA ASP A 40 -8.11 11.46 -11.47
C ASP A 40 -7.23 11.99 -10.33
N LEU A 41 -6.70 11.04 -9.53
CA LEU A 41 -6.14 11.40 -8.22
C LEU A 41 -4.97 12.37 -8.37
N TYR A 42 -4.04 12.16 -9.33
CA TYR A 42 -2.93 13.11 -9.35
C TYR A 42 -3.45 14.51 -9.80
N ALA A 43 -4.37 14.52 -10.75
CA ALA A 43 -4.84 15.83 -11.23
C ALA A 43 -5.56 16.61 -10.18
N MET A 44 -6.20 15.88 -9.25
CA MET A 44 -6.89 16.37 -8.08
C MET A 44 -5.95 16.78 -6.91
N ASN A 45 -4.66 16.41 -7.08
CA ASN A 45 -3.68 16.58 -5.97
C ASN A 45 -4.26 15.89 -4.70
N PHE A 46 -4.87 14.69 -4.88
CA PHE A 46 -5.62 14.06 -3.80
C PHE A 46 -4.68 13.87 -2.59
N GLU A 47 -5.19 14.24 -1.40
CA GLU A 47 -4.40 14.05 -0.17
C GLU A 47 -4.31 12.57 0.21
N PRO A 48 -3.05 12.06 0.30
CA PRO A 48 -3.04 10.63 0.73
C PRO A 48 -2.90 10.43 2.26
N ARG A 49 -2.58 11.46 3.02
CA ARG A 49 -2.27 11.25 4.44
C ARG A 49 -3.49 11.13 5.25
N ALA A 50 -3.49 10.19 6.21
CA ALA A 50 -4.63 10.12 7.17
C ALA A 50 -4.34 11.03 8.32
N THR A 51 -4.97 12.23 8.36
CA THR A 51 -4.62 13.14 9.47
C THR A 51 -5.89 13.80 10.07
N ASP A 52 -5.67 14.49 11.20
CA ASP A 52 -6.84 15.08 11.87
C ASP A 52 -7.49 16.17 11.07
N LYS A 53 -6.88 16.55 9.95
CA LYS A 53 -7.58 17.47 9.02
C LYS A 53 -8.72 16.82 8.30
N ASP A 54 -8.90 15.49 8.40
CA ASP A 54 -9.94 14.77 7.72
C ASP A 54 -11.26 14.90 8.46
N ILE A 55 -11.18 15.43 9.69
CA ILE A 55 -12.39 15.76 10.48
C ILE A 55 -12.51 17.27 10.62
N THR A 56 -13.70 17.78 10.35
CA THR A 56 -13.91 19.23 10.34
C THR A 56 -14.62 19.52 11.64
N GLY A 57 -14.47 20.75 12.13
CA GLY A 57 -15.20 21.13 13.35
C GLY A 57 -14.41 20.79 14.60
N THR A 58 -14.90 19.87 15.44
CA THR A 58 -14.18 19.48 16.68
C THR A 58 -14.21 17.95 16.97
N LEU A 59 -13.11 17.43 17.51
CA LEU A 59 -12.88 15.98 17.62
C LEU A 59 -13.61 15.29 18.77
N SER A 60 -13.90 14.01 18.59
CA SER A 60 -14.43 13.20 19.67
C SER A 60 -13.49 13.24 20.87
N ASN A 61 -12.16 13.16 20.64
CA ASN A 61 -11.14 13.18 21.70
C ASN A 61 -9.84 13.90 21.32
N PRO A 62 -9.77 15.24 21.54
CA PRO A 62 -8.57 16.01 21.16
C PRO A 62 -7.33 15.90 22.08
N GLU A 63 -7.29 14.94 22.99
CA GLU A 63 -6.08 14.71 23.77
C GLU A 63 -5.31 13.53 23.19
N VAL A 64 -6.05 12.53 22.68
CA VAL A 64 -5.47 11.32 22.12
C VAL A 64 -6.18 11.00 20.81
N PHE A 65 -5.47 11.24 19.71
CA PHE A 65 -6.01 11.12 18.36
C PHE A 65 -5.99 9.65 17.87
N ASN A 66 -7.16 9.18 17.52
CA ASN A 66 -7.36 7.84 16.98
C ASN A 66 -8.08 8.01 15.66
N TYR A 67 -7.35 7.83 14.57
CA TYR A 67 -7.93 8.10 13.24
C TYR A 67 -9.20 7.23 12.97
N GLY A 68 -9.17 5.95 13.28
CA GLY A 68 -10.31 5.08 12.98
C GLY A 68 -11.57 5.53 13.76
N VAL A 69 -11.41 5.88 15.03
CA VAL A 69 -12.59 6.21 15.85
C VAL A 69 -13.10 7.58 15.42
N GLU A 70 -12.18 8.54 15.26
CA GLU A 70 -12.54 9.88 14.85
C GLU A 70 -13.26 9.89 13.52
N THR A 71 -12.75 9.15 12.52
CA THR A 71 -13.39 9.24 11.24
C THR A 71 -14.69 8.46 11.26
N HIS A 72 -14.79 7.42 12.09
CA HIS A 72 -16.05 6.67 12.20
C HIS A 72 -17.11 7.62 12.79
N GLU A 73 -16.80 8.29 13.90
CA GLU A 73 -17.73 9.27 14.51
C GLU A 73 -18.07 10.34 13.49
N ALA A 74 -17.06 10.85 12.76
CA ALA A 74 -17.24 11.94 11.78
C ALA A 74 -18.15 11.50 10.61
N TYR A 75 -18.02 10.27 10.13
CA TYR A 75 -18.95 9.80 9.09
C TYR A 75 -20.41 9.77 9.61
N LYS A 76 -20.60 9.28 10.84
CA LYS A 76 -21.92 9.30 11.50
C LYS A 76 -22.48 10.73 11.72
N GLN A 77 -21.62 11.69 12.05
CA GLN A 77 -22.01 13.08 12.29
C GLN A 77 -21.82 14.01 11.09
N ARG A 78 -21.59 13.43 9.91
CA ARG A 78 -21.44 14.20 8.65
C ARG A 78 -20.43 15.36 8.81
N SER A 79 -19.29 15.12 9.51
CA SER A 79 -18.23 16.10 9.63
C SER A 79 -16.90 15.56 9.07
N LEU A 80 -16.95 14.78 7.98
CA LEU A 80 -15.64 14.47 7.29
C LEU A 80 -15.30 15.59 6.32
N ALA A 81 -14.00 15.80 6.01
CA ALA A 81 -13.52 16.76 4.99
C ALA A 81 -14.18 16.46 3.63
N SER A 82 -14.37 17.54 2.87
CA SER A 82 -15.24 17.50 1.73
C SER A 82 -14.55 16.64 0.63
N ASP A 83 -13.22 16.61 0.60
CA ASP A 83 -12.58 15.71 -0.43
C ASP A 83 -12.97 14.23 -0.20
N ILE A 84 -13.04 13.77 1.06
CA ILE A 84 -13.49 12.46 1.39
C ILE A 84 -14.96 12.25 1.02
N THR A 85 -15.78 13.15 1.53
CA THR A 85 -17.22 12.99 1.29
C THR A 85 -17.57 13.02 -0.22
N ASP A 86 -16.87 13.86 -0.98
CA ASP A 86 -17.06 13.88 -2.43
C ASP A 86 -16.78 12.46 -2.99
N GLU A 87 -15.70 11.85 -2.50
CA GLU A 87 -15.42 10.53 -3.06
C GLU A 87 -16.42 9.46 -2.58
N GLN A 88 -16.86 9.55 -1.30
CA GLN A 88 -17.91 8.60 -0.82
C GLN A 88 -19.20 8.72 -1.59
N LYS A 89 -19.54 9.97 -1.97
CA LYS A 89 -20.76 10.10 -2.81
C LYS A 89 -20.59 9.35 -4.14
N LYS A 90 -19.40 9.52 -4.80
CA LYS A 90 -19.16 8.72 -6.01
C LYS A 90 -19.28 7.20 -5.85
N VAL A 91 -18.68 6.66 -4.76
CA VAL A 91 -18.69 5.26 -4.59
C VAL A 91 -20.14 4.79 -4.25
N ARG A 92 -20.79 5.56 -3.41
CA ARG A 92 -22.17 5.18 -3.00
C ARG A 92 -23.04 5.05 -4.26
N GLU A 93 -22.90 6.02 -5.18
CA GLU A 93 -23.68 5.93 -6.45
C GLU A 93 -23.27 4.81 -7.42
N ALA A 94 -21.99 4.42 -7.37
CA ALA A 94 -21.51 3.51 -8.36
C ALA A 94 -21.95 2.04 -8.24
N ASP A 95 -22.16 1.38 -9.36
CA ASP A 95 -22.53 -0.08 -9.30
C ASP A 95 -21.21 -0.85 -9.52
N LEU A 96 -20.20 -0.22 -10.15
CA LEU A 96 -18.90 -0.82 -10.44
C LEU A 96 -17.83 0.25 -10.18
N VAL A 97 -16.79 -0.11 -9.41
CA VAL A 97 -15.61 0.79 -9.26
C VAL A 97 -14.43 0.09 -9.88
N ILE A 98 -13.83 0.70 -10.85
CA ILE A 98 -12.67 0.24 -11.56
C ILE A 98 -11.46 1.05 -11.04
N PHE A 99 -10.43 0.35 -10.52
CA PHE A 99 -9.17 1.02 -10.11
C PHE A 99 -8.18 0.85 -11.23
N GLN A 100 -7.64 1.94 -11.76
CA GLN A 100 -6.69 1.88 -12.83
C GLN A 100 -5.37 2.45 -12.33
N PHE A 101 -4.32 1.61 -12.24
CA PHE A 101 -3.02 2.06 -11.71
C PHE A 101 -1.84 1.16 -12.16
N PRO A 102 -0.65 1.74 -12.19
CA PRO A 102 0.56 0.92 -12.25
C PRO A 102 0.91 0.34 -10.89
N LEU A 103 1.41 -0.90 -10.92
CA LEU A 103 1.73 -1.56 -9.66
C LEU A 103 3.00 -0.89 -9.11
N TYR A 104 2.92 -0.40 -7.85
CA TYR A 104 4.10 0.21 -7.14
C TYR A 104 4.32 -0.67 -5.92
N TRP A 105 5.52 -1.31 -5.92
CA TRP A 105 5.86 -2.21 -4.79
C TRP A 105 4.80 -3.23 -4.43
N PHE A 106 4.39 -3.92 -5.49
CA PHE A 106 3.40 -5.04 -5.35
C PHE A 106 2.05 -4.58 -4.81
N SER A 107 1.75 -3.25 -5.01
CA SER A 107 0.56 -2.68 -4.44
C SER A 107 0.15 -1.42 -5.26
N VAL A 108 -0.74 -0.62 -4.67
CA VAL A 108 -1.18 0.63 -5.35
C VAL A 108 -0.19 1.74 -5.05
N PRO A 109 -0.06 2.64 -6.01
CA PRO A 109 0.70 3.93 -5.64
C PRO A 109 0.16 4.57 -4.39
N ALA A 110 1.04 5.22 -3.64
CA ALA A 110 0.60 5.84 -2.41
C ALA A 110 -0.60 6.74 -2.53
N ILE A 111 -0.72 7.50 -3.63
CA ILE A 111 -1.89 8.40 -3.69
C ILE A 111 -3.22 7.60 -3.68
N LEU A 112 -3.16 6.43 -4.30
CA LEU A 112 -4.37 5.54 -4.31
C LEU A 112 -4.50 4.80 -2.99
N LYS A 113 -3.36 4.42 -2.38
CA LYS A 113 -3.47 3.86 -1.04
C LYS A 113 -4.14 4.83 -0.09
N GLY A 114 -3.86 6.14 -0.28
CA GLY A 114 -4.45 7.16 0.56
C GLY A 114 -5.97 7.29 0.26
N TRP A 115 -6.36 7.20 -0.99
CA TRP A 115 -7.82 7.14 -1.27
C TRP A 115 -8.47 5.96 -0.54
N MET A 116 -7.87 4.77 -0.58
CA MET A 116 -8.48 3.65 0.16
C MET A 116 -8.53 3.92 1.66
N ASP A 117 -7.44 4.41 2.25
CA ASP A 117 -7.33 4.62 3.68
C ASP A 117 -8.35 5.64 4.13
N ARG A 118 -8.56 6.73 3.33
CA ARG A 118 -9.32 7.90 3.83
C ARG A 118 -10.81 7.78 3.34
N VAL A 119 -11.05 7.22 2.17
CA VAL A 119 -12.48 7.17 1.75
C VAL A 119 -13.22 5.94 2.25
N LEU A 120 -12.57 4.81 2.41
CA LEU A 120 -13.20 3.54 2.82
C LEU A 120 -13.21 3.49 4.37
N CYS A 121 -13.93 4.41 4.98
CA CYS A 121 -13.89 4.57 6.44
C CYS A 121 -15.02 3.77 7.15
N GLN A 122 -14.84 3.52 8.43
CA GLN A 122 -15.83 2.74 9.18
C GLN A 122 -17.18 3.50 9.20
N GLY A 123 -18.28 2.76 8.94
CA GLY A 123 -19.63 3.33 8.84
C GLY A 123 -20.01 3.45 7.37
N PHE A 124 -19.02 3.63 6.51
CA PHE A 124 -19.30 3.82 5.09
C PHE A 124 -19.10 2.51 4.37
N ALA A 125 -17.85 2.02 4.51
CA ALA A 125 -17.47 0.88 3.77
C ALA A 125 -17.59 -0.41 4.58
N PHE A 126 -17.51 -0.31 5.87
CA PHE A 126 -17.56 -1.52 6.74
C PHE A 126 -17.99 -1.13 8.11
N ASP A 127 -18.50 -2.14 8.86
CA ASP A 127 -18.76 -1.91 10.23
C ASP A 127 -18.68 -3.22 11.02
N ILE A 128 -19.06 -3.11 12.30
CA ILE A 128 -19.27 -4.25 13.13
C ILE A 128 -20.82 -4.21 13.36
N PRO A 129 -21.57 -5.11 12.63
CA PRO A 129 -20.94 -6.11 11.74
C PRO A 129 -21.01 -5.51 10.34
N GLY A 130 -20.75 -6.36 9.34
CA GLY A 130 -20.84 -5.90 7.96
C GLY A 130 -19.44 -5.85 7.41
N PHE A 131 -18.88 -7.01 7.11
CA PHE A 131 -17.60 -7.09 6.46
C PHE A 131 -17.52 -8.42 5.69
N TYR A 132 -16.47 -8.58 4.92
CA TYR A 132 -16.42 -9.60 3.88
C TYR A 132 -17.74 -9.74 3.06
N ASP A 133 -18.32 -10.93 2.96
CA ASP A 133 -19.61 -11.10 2.29
C ASP A 133 -20.71 -10.12 2.73
N SER A 134 -20.60 -9.65 3.97
CA SER A 134 -21.58 -8.77 4.57
C SER A 134 -21.12 -7.28 4.58
N GLY A 135 -20.02 -6.96 3.89
CA GLY A 135 -19.53 -5.55 3.91
C GLY A 135 -20.55 -4.56 3.37
N LEU A 136 -20.44 -3.29 3.79
CA LEU A 136 -21.46 -2.29 3.46
C LEU A 136 -21.54 -1.82 2.05
N LEU A 137 -20.55 -2.10 1.20
CA LEU A 137 -20.66 -1.87 -0.21
C LEU A 137 -21.15 -3.10 -0.96
N GLN A 138 -21.82 -4.01 -0.23
CA GLN A 138 -22.32 -5.25 -0.86
C GLN A 138 -23.30 -4.78 -1.92
N GLY A 139 -23.32 -5.50 -3.02
CA GLY A 139 -24.19 -5.18 -4.18
C GLY A 139 -23.26 -4.65 -5.29
N LYS A 140 -22.16 -4.05 -4.88
CA LYS A 140 -21.28 -3.36 -5.81
C LYS A 140 -20.20 -4.26 -6.30
N LEU A 141 -19.67 -3.97 -7.47
CA LEU A 141 -18.63 -4.72 -8.06
C LEU A 141 -17.37 -3.86 -8.00
N ALA A 142 -16.22 -4.52 -7.98
CA ALA A 142 -14.94 -3.76 -8.02
C ALA A 142 -14.01 -4.51 -8.88
N LEU A 143 -13.06 -3.84 -9.53
CA LEU A 143 -12.21 -4.44 -10.45
C LEU A 143 -10.88 -3.72 -10.45
N LEU A 144 -9.79 -4.43 -10.24
CA LEU A 144 -8.42 -3.86 -10.35
C LEU A 144 -7.91 -4.05 -11.74
N SER A 145 -7.55 -2.94 -12.44
CA SER A 145 -6.88 -2.92 -13.72
C SER A 145 -5.51 -2.40 -13.45
N VAL A 146 -4.56 -3.35 -13.41
CA VAL A 146 -3.25 -3.05 -12.90
C VAL A 146 -2.30 -3.24 -14.02
N THR A 147 -1.31 -2.36 -14.22
CA THR A 147 -0.21 -2.62 -15.12
C THR A 147 1.08 -2.94 -14.34
N THR A 148 2.01 -3.68 -14.95
CA THR A 148 3.21 -4.05 -14.21
C THR A 148 4.45 -3.76 -14.96
N GLY A 149 5.58 -3.68 -14.25
CA GLY A 149 6.86 -3.58 -14.95
C GLY A 149 7.38 -5.01 -15.23
N GLY A 150 7.11 -5.94 -14.31
CA GLY A 150 7.48 -7.41 -14.39
C GLY A 150 6.59 -8.19 -15.38
N THR A 151 7.17 -9.24 -15.96
CA THR A 151 6.49 -10.03 -16.99
C THR A 151 5.58 -11.05 -16.36
N ALA A 152 4.69 -11.69 -17.16
CA ALA A 152 3.77 -12.67 -16.60
C ALA A 152 4.56 -13.84 -16.04
N GLU A 153 5.68 -14.15 -16.68
CA GLU A 153 6.48 -15.32 -16.25
C GLU A 153 7.14 -15.04 -14.87
N MET A 154 7.53 -13.78 -14.65
CA MET A 154 8.06 -13.38 -13.31
C MET A 154 7.01 -13.56 -12.24
N TYR A 155 5.73 -13.41 -12.68
CA TYR A 155 4.59 -13.49 -11.77
C TYR A 155 3.91 -14.86 -11.81
N THR A 156 4.72 -15.92 -11.70
CA THR A 156 4.15 -17.28 -11.50
C THR A 156 4.59 -17.84 -10.13
N LYS A 157 3.97 -18.90 -9.63
CA LYS A 157 4.26 -19.37 -8.23
C LYS A 157 5.77 -19.64 -7.91
N THR A 158 6.47 -20.19 -8.89
CA THR A 158 7.90 -20.48 -8.80
C THR A 158 8.78 -19.40 -9.49
N GLY A 159 8.15 -18.33 -10.01
CA GLY A 159 8.84 -17.19 -10.64
C GLY A 159 9.40 -16.23 -9.57
N VAL A 160 10.28 -15.29 -9.96
CA VAL A 160 10.98 -14.45 -8.94
C VAL A 160 10.06 -13.63 -8.11
N ASN A 161 8.96 -13.22 -8.74
CA ASN A 161 7.96 -12.44 -8.01
C ASN A 161 6.81 -13.18 -7.31
N GLY A 162 6.66 -14.52 -7.53
CA GLY A 162 5.49 -15.23 -7.01
C GLY A 162 4.31 -14.99 -7.98
N ASP A 163 3.22 -15.72 -7.75
CA ASP A 163 2.01 -15.60 -8.60
C ASP A 163 1.46 -14.16 -8.40
N SER A 164 0.96 -13.51 -9.45
CA SER A 164 0.16 -12.27 -9.20
C SER A 164 -0.90 -12.32 -8.15
N ARG A 165 -1.60 -13.45 -8.02
CA ARG A 165 -2.64 -13.51 -7.08
C ARG A 165 -2.10 -13.24 -5.67
N TYR A 166 -0.82 -13.52 -5.41
CA TYR A 166 -0.26 -13.29 -4.08
C TYR A 166 -0.30 -11.79 -3.71
N PHE A 167 0.12 -10.93 -4.63
CA PHE A 167 0.02 -9.49 -4.28
C PHE A 167 -1.39 -8.94 -4.35
N LEU A 168 -2.27 -9.65 -5.07
CA LEU A 168 -3.69 -9.20 -5.03
C LEU A 168 -4.44 -9.31 -3.70
N TRP A 169 -4.00 -10.23 -2.81
CA TRP A 169 -4.65 -10.48 -1.59
C TRP A 169 -4.99 -9.27 -0.74
N PRO A 170 -4.02 -8.33 -0.45
CA PRO A 170 -4.43 -7.25 0.45
C PRO A 170 -5.42 -6.34 -0.22
N LEU A 171 -5.34 -6.30 -1.55
CA LEU A 171 -6.24 -5.36 -2.32
C LEU A 171 -7.62 -5.99 -2.55
N GLN A 172 -7.61 -7.16 -3.18
CA GLN A 172 -8.89 -7.83 -3.42
C GLN A 172 -9.55 -8.31 -2.18
N HIS A 173 -8.80 -9.04 -1.32
CA HIS A 173 -9.41 -9.59 -0.09
C HIS A 173 -9.48 -8.66 1.06
N GLY A 174 -8.31 -8.14 1.48
CA GLY A 174 -8.25 -7.36 2.69
C GLY A 174 -8.92 -6.00 2.54
N THR A 175 -9.08 -5.56 1.29
CA THR A 175 -9.71 -4.22 1.12
C THR A 175 -11.06 -4.38 0.38
N LEU A 176 -11.08 -4.90 -0.84
CA LEU A 176 -12.44 -4.82 -1.63
C LEU A 176 -13.49 -5.77 -1.02
N HIS A 177 -13.12 -7.04 -0.89
CA HIS A 177 -14.03 -8.04 -0.23
C HIS A 177 -14.42 -7.63 1.14
N PHE A 178 -13.48 -7.16 1.91
CA PHE A 178 -13.75 -6.72 3.17
C PHE A 178 -14.87 -5.70 3.27
N CYS A 179 -14.85 -4.69 2.39
CA CYS A 179 -15.90 -3.68 2.32
C CYS A 179 -17.17 -4.20 1.65
N GLY A 180 -17.24 -5.46 1.23
CA GLY A 180 -18.49 -5.89 0.67
C GLY A 180 -18.54 -6.14 -0.82
N PHE A 181 -17.59 -5.58 -1.57
CA PHE A 181 -17.52 -5.79 -2.98
C PHE A 181 -17.45 -7.23 -3.46
N LYS A 182 -18.10 -7.49 -4.54
CA LYS A 182 -17.84 -8.64 -5.31
C LYS A 182 -16.75 -8.21 -6.28
N VAL A 183 -15.67 -8.95 -6.29
CA VAL A 183 -14.55 -8.69 -7.11
C VAL A 183 -14.55 -9.39 -8.42
N LEU A 184 -14.52 -8.62 -9.49
CA LEU A 184 -14.30 -9.17 -10.78
C LEU A 184 -12.85 -9.52 -10.96
N ALA A 185 -12.60 -10.46 -11.86
CA ALA A 185 -11.30 -10.93 -12.18
C ALA A 185 -10.44 -9.71 -12.50
N PRO A 186 -9.25 -9.59 -11.89
CA PRO A 186 -8.39 -8.47 -12.21
C PRO A 186 -8.02 -8.44 -13.66
N GLN A 187 -7.80 -7.25 -14.20
CA GLN A 187 -7.31 -7.07 -15.48
C GLN A 187 -5.85 -6.74 -15.29
N ILE A 188 -4.95 -7.68 -15.64
CA ILE A 188 -3.56 -7.42 -15.43
C ILE A 188 -2.89 -7.32 -16.72
N SER A 189 -2.32 -6.15 -16.99
CA SER A 189 -1.65 -5.88 -18.22
C SER A 189 -0.18 -5.92 -17.93
N PHE A 190 0.46 -7.04 -18.28
CA PHE A 190 1.83 -7.30 -17.91
C PHE A 190 2.81 -6.57 -18.77
N ALA A 191 3.74 -5.87 -18.13
CA ALA A 191 4.92 -5.26 -18.75
C ALA A 191 4.69 -4.53 -20.07
N PRO A 192 3.77 -3.56 -20.10
CA PRO A 192 3.50 -2.89 -21.36
C PRO A 192 4.69 -2.13 -21.96
N GLU A 193 5.58 -1.60 -21.10
CA GLU A 193 6.69 -0.72 -21.56
C GLU A 193 7.69 -1.51 -22.42
N ILE A 194 7.77 -2.81 -22.21
CA ILE A 194 8.68 -3.66 -22.99
C ILE A 194 7.98 -4.32 -24.20
N ALA A 195 6.67 -4.14 -24.30
CA ALA A 195 5.89 -4.66 -25.41
C ALA A 195 5.97 -3.74 -26.62
N SER A 196 5.68 -4.28 -27.80
CA SER A 196 5.64 -3.49 -29.05
C SER A 196 4.48 -2.46 -29.11
N GLU A 197 4.55 -1.55 -30.10
CA GLU A 197 3.57 -0.45 -30.33
C GLU A 197 2.16 -0.93 -30.57
N GLU A 198 2.00 -1.96 -31.41
CA GLU A 198 0.83 -2.91 -31.36
C GLU A 198 1.09 -3.83 -30.17
N GLU A 199 0.44 -5.00 -30.03
CA GLU A 199 0.65 -5.80 -28.78
C GLU A 199 0.14 -5.01 -27.52
N ARG A 200 0.68 -3.81 -27.32
CA ARG A 200 0.11 -2.80 -26.44
C ARG A 200 -1.31 -2.40 -26.89
N LYS A 201 -1.51 -2.35 -28.20
CA LYS A 201 -2.86 -2.09 -28.69
C LYS A 201 -3.73 -3.32 -28.45
N GLY A 202 -3.13 -4.50 -28.59
CA GLY A 202 -3.74 -5.77 -28.18
C GLY A 202 -4.29 -5.67 -26.77
N MET A 203 -3.48 -5.14 -25.86
CA MET A 203 -3.88 -5.08 -24.47
C MET A 203 -4.98 -4.02 -24.27
N VAL A 204 -4.89 -2.89 -24.97
CA VAL A 204 -5.89 -1.80 -24.84
C VAL A 204 -7.19 -2.24 -25.47
N ALA A 205 -7.10 -2.69 -26.72
CA ALA A 205 -8.24 -3.21 -27.46
C ALA A 205 -8.83 -4.38 -26.70
N ALA A 206 -7.99 -5.20 -26.05
CA ALA A 206 -8.49 -6.32 -25.24
C ALA A 206 -9.34 -5.98 -23.93
N TRP A 207 -8.86 -4.98 -23.22
CA TRP A 207 -9.61 -4.40 -22.13
C TRP A 207 -10.94 -3.80 -22.67
N SER A 208 -10.90 -3.07 -23.78
CA SER A 208 -12.16 -2.50 -24.40
C SER A 208 -13.13 -3.65 -24.71
N GLN A 209 -12.65 -4.70 -25.37
CA GLN A 209 -13.49 -5.91 -25.58
C GLN A 209 -14.04 -6.53 -24.34
N ARG A 210 -13.21 -6.69 -23.26
CA ARG A 210 -13.72 -7.27 -22.06
C ARG A 210 -14.87 -6.38 -21.54
N LEU A 211 -14.63 -5.06 -21.65
CA LEU A 211 -15.62 -4.12 -21.09
C LEU A 211 -16.99 -4.20 -21.75
N GLN A 212 -17.00 -4.54 -23.04
CA GLN A 212 -18.27 -4.88 -23.75
C GLN A 212 -19.17 -5.82 -22.99
N THR A 213 -18.63 -6.85 -22.32
CA THR A 213 -19.47 -7.76 -21.56
C THR A 213 -19.25 -7.78 -20.06
N ILE A 214 -18.74 -6.67 -19.51
CA ILE A 214 -18.46 -6.68 -18.10
C ILE A 214 -19.62 -7.00 -17.19
N TRP A 215 -20.86 -6.62 -17.57
CA TRP A 215 -22.02 -6.80 -16.70
C TRP A 215 -22.54 -8.27 -16.75
N LYS A 216 -21.99 -9.06 -17.68
CA LYS A 216 -22.30 -10.54 -17.76
C LYS A 216 -21.39 -11.33 -16.79
N GLU A 217 -20.34 -10.69 -16.26
CA GLU A 217 -19.32 -11.47 -15.53
C GLU A 217 -19.75 -11.89 -14.15
N GLU A 218 -19.27 -13.06 -13.73
CA GLU A 218 -19.50 -13.55 -12.34
C GLU A 218 -18.24 -13.10 -11.58
N PRO A 219 -18.42 -12.65 -10.36
CA PRO A 219 -17.24 -12.29 -9.51
C PRO A 219 -16.52 -13.55 -9.08
N ILE A 220 -15.19 -13.44 -8.98
CA ILE A 220 -14.30 -14.49 -8.48
C ILE A 220 -14.70 -14.92 -7.07
N PRO A 221 -14.37 -16.17 -6.69
CA PRO A 221 -14.48 -16.54 -5.28
C PRO A 221 -13.33 -15.87 -4.54
N CYS A 222 -13.62 -14.87 -3.68
CA CYS A 222 -12.53 -14.05 -3.09
C CYS A 222 -12.04 -14.77 -1.84
N THR A 223 -11.34 -15.85 -2.12
CA THR A 223 -10.90 -16.74 -1.04
C THR A 223 -9.39 -16.90 -0.95
N ALA A 224 -8.96 -17.31 0.24
CA ALA A 224 -7.56 -17.67 0.45
C ALA A 224 -7.20 -18.76 -0.57
N HIS A 225 -8.09 -19.74 -0.78
CA HIS A 225 -7.93 -20.75 -1.82
C HIS A 225 -7.71 -20.16 -3.23
N TRP A 226 -8.54 -19.18 -3.65
CA TRP A 226 -8.36 -18.57 -4.97
C TRP A 226 -6.97 -17.90 -5.08
N HIS A 227 -6.57 -17.22 -4.00
CA HIS A 227 -5.29 -16.51 -4.01
C HIS A 227 -4.04 -17.38 -3.91
N PHE A 228 -4.10 -18.41 -3.08
CA PHE A 228 -2.85 -19.13 -2.74
C PHE A 228 -2.85 -20.63 -3.06
N GLY A 229 -4.06 -21.19 -3.14
CA GLY A 229 -4.26 -22.65 -3.15
C GLY A 229 -4.07 -23.41 -4.45
N GLN A 230 -4.59 -24.65 -4.45
CA GLN A 230 -4.60 -25.55 -5.62
C GLN A 230 -6.00 -25.58 -6.29
N ALA B 1 26.36 -2.70 21.06
CA ALA B 1 27.49 -1.83 20.58
C ALA B 1 27.15 -1.16 19.22
N GLY B 2 28.10 -1.28 18.26
CA GLY B 2 28.40 -0.35 17.13
C GLY B 2 27.61 -0.59 15.84
N LYS B 3 26.38 -0.12 15.87
CA LYS B 3 25.43 -0.35 14.78
C LYS B 3 24.54 0.89 14.71
N LYS B 4 24.05 1.18 13.52
CA LYS B 4 23.16 2.33 13.25
C LYS B 4 21.76 1.77 12.88
N VAL B 5 20.73 2.35 13.48
CA VAL B 5 19.32 1.92 13.27
C VAL B 5 18.53 3.17 12.81
N LEU B 6 17.72 2.95 11.79
CA LEU B 6 16.72 3.93 11.37
C LEU B 6 15.37 3.31 11.71
N ILE B 7 14.53 4.11 12.37
CA ILE B 7 13.11 3.68 12.61
C ILE B 7 12.26 4.56 11.72
N VAL B 8 11.53 4.01 10.77
CA VAL B 8 10.59 4.80 9.96
C VAL B 8 9.20 4.59 10.55
N TYR B 9 8.70 5.68 11.15
CA TYR B 9 7.56 5.63 12.06
C TYR B 9 6.37 6.35 11.46
N ALA B 10 5.22 5.65 11.44
CA ALA B 10 3.99 6.17 10.81
C ALA B 10 2.79 6.09 11.70
N HIS B 11 2.74 6.99 12.69
CA HIS B 11 1.53 7.20 13.46
C HIS B 11 1.33 8.64 13.82
N GLN B 12 0.06 9.05 13.83
CA GLN B 12 -0.21 10.47 14.04
C GLN B 12 -0.13 10.90 15.49
N GLU B 13 -0.16 9.94 16.39
CA GLU B 13 -0.35 10.33 17.81
C GLU B 13 0.78 9.83 18.66
N PRO B 14 1.50 10.74 19.28
CA PRO B 14 2.67 10.32 20.09
C PRO B 14 2.25 9.39 21.28
N LYS B 15 1.03 9.55 21.77
CA LYS B 15 0.56 8.80 22.94
C LYS B 15 -0.02 7.45 22.61
N SER B 16 0.05 7.06 21.32
CA SER B 16 -0.54 5.81 20.85
C SER B 16 0.28 4.64 21.21
N PHE B 17 -0.29 3.45 21.03
CA PHE B 17 0.44 2.24 21.24
C PHE B 17 1.62 2.17 20.23
N ASN B 18 1.40 2.55 18.97
CA ASN B 18 2.59 2.65 18.05
C ASN B 18 3.69 3.55 18.57
N GLY B 19 3.32 4.69 19.12
CA GLY B 19 4.20 5.63 19.71
C GLY B 19 4.96 4.97 20.87
N SER B 20 4.27 4.18 21.72
CA SER B 20 4.98 3.49 22.81
C SER B 20 6.01 2.50 22.24
N LEU B 21 5.66 1.82 21.17
CA LEU B 21 6.59 0.83 20.59
C LEU B 21 7.80 1.49 20.00
N LYS B 22 7.61 2.63 19.30
CA LYS B 22 8.72 3.37 18.74
C LYS B 22 9.61 3.88 19.90
N ASN B 23 8.99 4.41 20.95
CA ASN B 23 9.77 4.98 22.04
C ASN B 23 10.58 3.93 22.78
N VAL B 24 9.97 2.77 22.99
CA VAL B 24 10.77 1.67 23.65
C VAL B 24 11.93 1.21 22.79
N ALA B 25 11.75 1.18 21.44
CA ALA B 25 12.87 0.85 20.60
C ALA B 25 13.99 1.87 20.70
N VAL B 26 13.61 3.13 20.72
CA VAL B 26 14.66 4.16 20.85
C VAL B 26 15.38 3.98 22.21
N ASP B 27 14.59 3.77 23.23
CA ASP B 27 15.13 3.68 24.67
C ASP B 27 16.08 2.46 24.70
N GLU B 28 15.68 1.33 24.14
CA GLU B 28 16.46 0.11 24.37
C GLU B 28 17.69 0.11 23.44
N LEU B 29 17.49 0.47 22.15
CA LEU B 29 18.64 0.54 21.29
C LEU B 29 19.62 1.71 21.71
N SER B 30 19.10 2.81 22.25
CA SER B 30 19.96 3.87 22.80
C SER B 30 20.78 3.27 23.98
N ARG B 31 20.07 2.61 24.88
CA ARG B 31 20.73 1.95 26.07
C ARG B 31 21.85 1.07 25.61
N GLN B 32 21.67 0.32 24.51
CA GLN B 32 22.71 -0.61 24.08
C GLN B 32 23.95 0.08 23.46
N GLY B 33 23.87 1.38 23.23
CA GLY B 33 24.99 2.12 22.59
C GLY B 33 24.85 2.30 21.10
N CYS B 34 23.72 1.85 20.58
CA CYS B 34 23.49 1.98 19.10
C CYS B 34 23.23 3.43 18.75
N THR B 35 23.56 3.78 17.51
CA THR B 35 23.16 5.07 16.94
C THR B 35 21.74 4.96 16.39
N VAL B 36 20.85 5.87 16.77
CA VAL B 36 19.40 5.68 16.46
C VAL B 36 18.91 6.95 15.74
N THR B 37 18.11 6.80 14.69
CA THR B 37 17.46 7.95 14.02
C THR B 37 16.03 7.55 13.76
N VAL B 38 15.11 8.48 13.89
CA VAL B 38 13.67 8.22 13.66
C VAL B 38 13.18 9.17 12.58
N SER B 39 12.54 8.64 11.56
CA SER B 39 11.87 9.51 10.55
C SER B 39 10.37 9.42 10.92
N ASP B 40 9.86 10.48 11.61
CA ASP B 40 8.47 10.45 12.03
C ASP B 40 7.64 11.06 10.95
N LEU B 41 7.08 10.20 10.11
CA LEU B 41 6.58 10.71 8.84
C LEU B 41 5.44 11.71 9.02
N TYR B 42 4.48 11.44 9.89
CA TYR B 42 3.41 12.50 9.95
C TYR B 42 3.97 13.81 10.47
N ALA B 43 4.91 13.77 11.46
CA ALA B 43 5.37 15.03 12.01
C ALA B 43 6.17 15.80 10.99
N MET B 44 6.84 15.10 10.07
CA MET B 44 7.57 15.69 8.96
C MET B 44 6.63 16.19 7.77
N ASN B 45 5.34 15.89 7.86
CA ASN B 45 4.37 16.13 6.75
C ASN B 45 4.97 15.50 5.49
N PHE B 46 5.50 14.26 5.68
CA PHE B 46 6.27 13.66 4.55
C PHE B 46 5.36 13.50 3.29
N GLU B 47 5.88 13.87 2.13
CA GLU B 47 5.09 13.91 0.87
C GLU B 47 4.95 12.46 0.38
N PRO B 48 3.71 11.96 0.23
CA PRO B 48 3.62 10.55 -0.27
C PRO B 48 3.52 10.42 -1.75
N ARG B 49 3.18 11.49 -2.46
CA ARG B 49 2.80 11.36 -3.88
C ARG B 49 4.05 11.32 -4.73
N ALA B 50 4.04 10.45 -5.73
CA ALA B 50 5.12 10.33 -6.68
C ALA B 50 4.77 11.26 -7.82
N THR B 51 5.46 12.37 -7.86
CA THR B 51 5.11 13.38 -8.90
C THR B 51 6.37 13.97 -9.53
N ASP B 52 6.09 14.76 -10.55
CA ASP B 52 7.19 15.40 -11.26
C ASP B 52 7.87 16.47 -10.41
N LYS B 53 7.32 16.83 -9.24
CA LYS B 53 8.04 17.70 -8.30
C LYS B 53 9.27 17.04 -7.70
N ASP B 54 9.41 15.74 -7.82
CA ASP B 54 10.50 15.02 -7.19
C ASP B 54 11.80 15.10 -7.97
N ILE B 55 11.73 15.69 -9.16
CA ILE B 55 12.93 15.87 -9.98
C ILE B 55 13.10 17.37 -10.22
N THR B 56 14.29 17.88 -10.01
CA THR B 56 14.43 19.35 -10.14
C THR B 56 15.07 19.74 -11.46
N GLY B 57 15.79 18.85 -12.10
CA GLY B 57 16.42 19.20 -13.41
C GLY B 57 15.64 19.04 -14.69
N THR B 58 16.35 19.17 -15.80
CA THR B 58 15.75 18.91 -17.11
C THR B 58 15.33 17.44 -17.11
N LEU B 59 14.09 17.22 -17.49
CA LEU B 59 13.62 15.85 -17.67
C LEU B 59 14.17 15.19 -18.92
N SER B 60 14.36 13.85 -18.88
CA SER B 60 14.78 13.08 -20.07
C SER B 60 13.73 13.10 -21.14
N ASN B 61 12.48 12.97 -20.72
CA ASN B 61 11.39 13.07 -21.69
C ASN B 61 10.29 13.94 -21.17
N PRO B 62 10.38 15.25 -21.44
CA PRO B 62 9.42 16.16 -20.87
C PRO B 62 8.04 16.04 -21.54
N GLU B 63 7.98 15.37 -22.71
CA GLU B 63 6.71 15.17 -23.44
C GLU B 63 5.79 14.10 -22.76
N VAL B 64 6.40 13.07 -22.19
CA VAL B 64 5.64 11.93 -21.63
C VAL B 64 6.36 11.52 -20.35
N PHE B 65 5.77 11.92 -19.23
CA PHE B 65 6.41 11.73 -17.95
C PHE B 65 6.30 10.28 -17.49
N ASN B 66 7.43 9.67 -17.15
CA ASN B 66 7.52 8.33 -16.60
C ASN B 66 8.27 8.45 -15.29
N TYR B 67 7.55 8.28 -14.15
CA TYR B 67 8.13 8.59 -12.86
C TYR B 67 9.39 7.71 -12.65
N GLY B 68 9.35 6.42 -12.98
CA GLY B 68 10.51 5.55 -12.69
C GLY B 68 11.76 5.95 -13.55
N VAL B 69 11.55 6.29 -14.82
CA VAL B 69 12.69 6.66 -15.71
C VAL B 69 13.26 7.98 -15.17
N GLU B 70 12.37 8.95 -14.88
CA GLU B 70 12.80 10.34 -14.46
C GLU B 70 13.50 10.30 -13.12
N THR B 71 13.01 9.47 -12.16
CA THR B 71 13.68 9.45 -10.89
C THR B 71 15.00 8.67 -10.93
N HIS B 72 15.13 7.64 -11.77
CA HIS B 72 16.36 6.96 -11.92
C HIS B 72 17.43 7.90 -12.45
N GLU B 73 17.03 8.62 -13.52
CA GLU B 73 17.97 9.62 -14.10
C GLU B 73 18.32 10.71 -13.11
N ALA B 74 17.29 11.23 -12.40
CA ALA B 74 17.50 12.22 -11.29
C ALA B 74 18.43 11.72 -10.18
N TYR B 75 18.28 10.46 -9.77
CA TYR B 75 19.16 9.93 -8.71
C TYR B 75 20.64 9.98 -9.23
N LYS B 76 20.85 9.54 -10.45
CA LYS B 76 22.26 9.49 -11.03
C LYS B 76 22.83 10.86 -11.22
N GLN B 77 21.97 11.84 -11.47
CA GLN B 77 22.42 13.27 -11.70
C GLN B 77 22.46 14.10 -10.43
N ARG B 78 21.96 13.53 -9.33
CA ARG B 78 21.74 14.27 -8.05
C ARG B 78 20.74 15.43 -8.17
N SER B 79 19.62 15.22 -8.83
CA SER B 79 18.66 16.26 -9.00
C SER B 79 17.31 15.76 -8.43
N LEU B 80 17.37 14.77 -7.51
CA LEU B 80 16.04 14.45 -6.85
C LEU B 80 15.71 15.50 -5.82
N ALA B 81 14.43 15.61 -5.47
CA ALA B 81 14.07 16.53 -4.37
C ALA B 81 14.81 16.17 -3.07
N SER B 82 15.13 17.17 -2.27
CA SER B 82 15.93 16.91 -1.13
C SER B 82 15.32 16.07 -0.03
N ASP B 83 13.98 16.04 0.04
CA ASP B 83 13.34 15.18 1.07
C ASP B 83 13.67 13.71 0.80
N ILE B 84 13.78 13.37 -0.46
CA ILE B 84 14.10 12.01 -0.84
C ILE B 84 15.52 11.72 -0.48
N THR B 85 16.45 12.60 -0.88
CA THR B 85 17.88 12.27 -0.62
C THR B 85 18.18 12.33 0.88
N ASP B 86 17.45 13.16 1.64
CA ASP B 86 17.56 13.15 3.12
C ASP B 86 17.25 11.74 3.70
N GLU B 87 16.19 11.12 3.15
CA GLU B 87 15.87 9.76 3.62
C GLU B 87 16.85 8.72 3.10
N GLN B 88 17.34 8.85 1.86
CA GLN B 88 18.33 7.90 1.38
C GLN B 88 19.60 7.91 2.16
N LYS B 89 19.94 9.09 2.70
CA LYS B 89 21.17 9.11 3.52
C LYS B 89 21.00 8.36 4.83
N LYS B 90 19.82 8.50 5.39
CA LYS B 90 19.54 7.74 6.61
C LYS B 90 19.53 6.20 6.35
N VAL B 91 18.96 5.81 5.21
CA VAL B 91 18.93 4.38 4.87
C VAL B 91 20.35 3.84 4.59
N ARG B 92 21.11 4.62 3.82
CA ARG B 92 22.48 4.22 3.42
C ARG B 92 23.31 4.01 4.70
N GLU B 93 23.13 4.87 5.69
CA GLU B 93 23.92 4.75 6.92
C GLU B 93 23.46 3.61 7.86
N ALA B 94 22.18 3.28 7.79
CA ALA B 94 21.65 2.32 8.74
C ALA B 94 22.12 0.90 8.47
N ASP B 95 22.36 0.20 9.56
CA ASP B 95 22.51 -1.28 9.49
C ASP B 95 21.18 -2.02 9.61
N LEU B 96 20.19 -1.41 10.26
CA LEU B 96 18.88 -2.01 10.44
C LEU B 96 17.87 -0.92 10.24
N VAL B 97 16.81 -1.24 9.51
CA VAL B 97 15.68 -0.34 9.33
C VAL B 97 14.45 -0.98 9.88
N ILE B 98 13.91 -0.39 10.91
CA ILE B 98 12.67 -0.86 11.53
C ILE B 98 11.55 0.02 11.04
N PHE B 99 10.47 -0.63 10.58
CA PHE B 99 9.29 0.15 10.19
C PHE B 99 8.23 -0.03 11.28
N GLN B 100 7.72 1.07 11.85
CA GLN B 100 6.78 0.93 12.94
C GLN B 100 5.46 1.55 12.46
N PHE B 101 4.40 0.74 12.38
CA PHE B 101 3.16 1.30 11.83
C PHE B 101 1.97 0.44 12.23
N PRO B 102 0.81 1.04 12.19
CA PRO B 102 -0.44 0.27 12.26
C PRO B 102 -0.78 -0.25 10.85
N LEU B 103 -1.35 -1.45 10.77
CA LEU B 103 -1.79 -2.02 9.54
C LEU B 103 -2.99 -1.29 9.03
N TYR B 104 -2.87 -0.71 7.85
CA TYR B 104 -4.03 -0.06 7.12
C TYR B 104 -4.31 -0.88 5.88
N TRP B 105 -5.53 -1.48 5.80
CA TRP B 105 -5.85 -2.24 4.66
C TRP B 105 -4.80 -3.30 4.25
N PHE B 106 -4.41 -4.07 5.29
CA PHE B 106 -3.49 -5.21 5.08
C PHE B 106 -2.13 -4.76 4.55
N SER B 107 -1.83 -3.49 4.82
CA SER B 107 -0.58 -2.92 4.23
C SER B 107 -0.14 -1.75 5.13
N VAL B 108 0.81 -0.97 4.60
CA VAL B 108 1.24 0.18 5.34
C VAL B 108 0.30 1.43 5.12
N PRO B 109 0.26 2.34 6.08
CA PRO B 109 -0.43 3.63 5.80
C PRO B 109 0.14 4.34 4.61
N ALA B 110 -0.72 5.04 3.88
CA ALA B 110 -0.25 5.62 2.64
C ALA B 110 0.96 6.55 2.83
N ILE B 111 1.07 7.22 3.98
CA ILE B 111 2.26 8.10 4.10
C ILE B 111 3.57 7.26 4.03
N LEU B 112 3.48 6.10 4.66
CA LEU B 112 4.67 5.13 4.58
C LEU B 112 4.77 4.46 3.22
N LYS B 113 3.66 4.17 2.54
CA LYS B 113 3.76 3.67 1.21
C LYS B 113 4.47 4.66 0.34
N GLY B 114 4.21 5.97 0.56
CA GLY B 114 4.90 6.90 -0.29
C GLY B 114 6.36 7.07 0.03
N TRP B 115 6.74 6.88 1.29
CA TRP B 115 8.14 6.69 1.61
C TRP B 115 8.77 5.55 0.81
N MET B 116 8.12 4.39 0.75
CA MET B 116 8.72 3.34 -0.02
C MET B 116 8.76 3.74 -1.51
N ASP B 117 7.64 4.31 -2.04
CA ASP B 117 7.58 4.57 -3.44
C ASP B 117 8.64 5.59 -3.89
N ARG B 118 8.90 6.62 -3.04
CA ARG B 118 9.77 7.68 -3.47
C ARG B 118 11.20 7.50 -3.01
N VAL B 119 11.42 6.90 -1.86
CA VAL B 119 12.81 6.81 -1.35
C VAL B 119 13.53 5.69 -2.00
N LEU B 120 12.84 4.55 -2.25
CA LEU B 120 13.53 3.34 -2.74
C LEU B 120 13.57 3.40 -4.25
N CYS B 121 14.30 4.36 -4.84
CA CYS B 121 14.20 4.53 -6.29
C CYS B 121 15.28 3.70 -7.03
N GLN B 122 15.04 3.52 -8.34
CA GLN B 122 16.08 2.85 -9.10
C GLN B 122 17.44 3.57 -9.03
N GLY B 123 18.54 2.82 -8.96
CA GLY B 123 19.83 3.48 -8.74
C GLY B 123 20.29 3.50 -7.30
N PHE B 124 19.32 3.68 -6.43
CA PHE B 124 19.63 3.75 -5.01
C PHE B 124 19.38 2.39 -4.36
N ALA B 125 18.12 1.86 -4.48
CA ALA B 125 17.78 0.66 -3.71
C ALA B 125 17.83 -0.58 -4.57
N PHE B 126 17.71 -0.42 -5.88
CA PHE B 126 17.76 -1.55 -6.83
C PHE B 126 18.19 -1.04 -8.18
N ASP B 127 18.65 -1.97 -9.03
CA ASP B 127 18.82 -1.62 -10.41
C ASP B 127 18.35 -2.81 -11.19
N ILE B 128 18.35 -2.68 -12.51
CA ILE B 128 17.82 -3.75 -13.33
C ILE B 128 18.94 -3.96 -14.32
N PRO B 129 19.81 -4.96 -14.07
CA PRO B 129 19.82 -5.98 -12.99
C PRO B 129 20.40 -5.44 -11.71
N GLY B 130 20.15 -6.11 -10.58
CA GLY B 130 20.55 -5.65 -9.27
C GLY B 130 19.31 -5.64 -8.33
N PHE B 131 18.67 -6.76 -8.12
CA PHE B 131 17.46 -6.85 -7.29
C PHE B 131 17.32 -8.22 -6.63
N TYR B 132 16.42 -8.34 -5.68
CA TYR B 132 16.33 -9.49 -4.79
C TYR B 132 17.69 -9.71 -4.15
N ASP B 133 18.29 -10.92 -4.24
CA ASP B 133 19.57 -11.14 -3.50
C ASP B 133 20.71 -10.26 -4.06
N SER B 134 20.52 -9.67 -5.24
CA SER B 134 21.49 -8.71 -5.74
C SER B 134 21.04 -7.22 -5.57
N GLY B 135 20.01 -7.00 -4.73
CA GLY B 135 19.52 -5.60 -4.58
C GLY B 135 20.59 -4.71 -3.99
N LEU B 136 20.46 -3.40 -4.18
CA LEU B 136 21.57 -2.50 -3.78
C LEU B 136 21.70 -2.27 -2.26
N LEU B 137 20.68 -2.61 -1.49
CA LEU B 137 20.76 -2.51 -0.04
C LEU B 137 21.22 -3.82 0.59
N GLN B 138 21.84 -4.69 -0.22
CA GLN B 138 22.40 -5.91 0.40
C GLN B 138 23.31 -5.54 1.57
N GLY B 139 23.33 -6.44 2.55
CA GLY B 139 24.09 -6.17 3.74
C GLY B 139 23.25 -5.56 4.85
N LYS B 140 22.06 -5.05 4.51
CA LYS B 140 21.27 -4.35 5.52
C LYS B 140 20.17 -5.19 5.99
N LEU B 141 19.68 -4.93 7.21
CA LEU B 141 18.57 -5.68 7.73
C LEU B 141 17.30 -4.82 7.80
N ALA B 142 16.13 -5.44 7.65
CA ALA B 142 14.87 -4.69 7.85
C ALA B 142 13.95 -5.52 8.69
N LEU B 143 13.05 -4.86 9.39
CA LEU B 143 12.09 -5.49 10.31
C LEU B 143 10.81 -4.70 10.31
N LEU B 144 9.67 -5.37 10.03
CA LEU B 144 8.39 -4.73 10.16
C LEU B 144 7.83 -4.93 11.57
N SER B 145 7.50 -3.85 12.26
CA SER B 145 6.87 -3.88 13.54
C SER B 145 5.45 -3.28 13.37
N VAL B 146 4.46 -4.20 13.29
CA VAL B 146 3.08 -3.88 12.87
C VAL B 146 2.15 -3.97 14.04
N THR B 147 1.15 -3.10 14.09
CA THR B 147 0.04 -3.32 15.02
C THR B 147 -1.21 -3.62 14.20
N THR B 148 -2.18 -4.32 14.79
CA THR B 148 -3.42 -4.61 14.05
C THR B 148 -4.67 -4.28 14.87
N GLY B 149 -5.77 -4.11 14.14
CA GLY B 149 -7.10 -4.09 14.79
C GLY B 149 -7.60 -5.48 15.07
N GLY B 150 -7.30 -6.41 14.16
CA GLY B 150 -7.72 -7.82 14.21
C GLY B 150 -6.90 -8.71 15.18
N THR B 151 -7.58 -9.67 15.83
CA THR B 151 -6.92 -10.48 16.85
C THR B 151 -5.99 -11.51 16.16
N ALA B 152 -5.05 -12.14 16.88
CA ALA B 152 -4.20 -13.14 16.25
C ALA B 152 -5.01 -14.27 15.63
N GLU B 153 -6.12 -14.58 16.29
CA GLU B 153 -6.95 -15.69 15.81
C GLU B 153 -7.59 -15.41 14.45
N MET B 154 -8.09 -14.19 14.28
CA MET B 154 -8.62 -13.69 13.00
C MET B 154 -7.48 -13.82 11.95
N TYR B 155 -6.26 -13.50 12.38
CA TYR B 155 -5.11 -13.66 11.45
C TYR B 155 -4.42 -15.00 11.43
N THR B 156 -5.20 -16.10 11.24
CA THR B 156 -4.64 -17.44 11.05
C THR B 156 -5.23 -18.01 9.77
N LYS B 157 -4.57 -19.03 9.21
CA LYS B 157 -4.95 -19.66 7.95
C LYS B 157 -6.45 -20.00 7.87
N THR B 158 -7.10 -20.28 9.00
CA THR B 158 -8.53 -20.61 8.92
C THR B 158 -9.44 -19.54 9.53
N GLY B 159 -8.84 -18.50 10.13
CA GLY B 159 -9.53 -17.25 10.43
C GLY B 159 -9.91 -16.46 9.16
N VAL B 160 -10.71 -15.43 9.37
CA VAL B 160 -11.36 -14.58 8.35
C VAL B 160 -10.35 -13.85 7.49
N ASN B 161 -9.41 -13.24 8.24
CA ASN B 161 -8.33 -12.49 7.62
C ASN B 161 -7.28 -13.33 6.89
N GLY B 162 -7.26 -14.65 7.06
CA GLY B 162 -6.12 -15.44 6.57
C GLY B 162 -4.89 -15.22 7.48
N ASP B 163 -3.84 -15.98 7.20
CA ASP B 163 -2.65 -15.93 8.04
C ASP B 163 -2.01 -14.57 7.97
N SER B 164 -1.50 -14.07 9.11
CA SER B 164 -0.71 -12.81 9.08
C SER B 164 0.42 -12.80 8.04
N ARG B 165 1.08 -13.93 7.78
CA ARG B 165 2.14 -13.85 6.82
C ARG B 165 1.69 -13.45 5.41
N TYR B 166 0.39 -13.67 5.10
CA TYR B 166 -0.03 -13.48 3.73
C TYR B 166 0.07 -11.95 3.35
N PHE B 167 -0.32 -11.12 4.29
CA PHE B 167 -0.29 -9.68 3.99
C PHE B 167 1.14 -9.21 4.05
N LEU B 168 2.03 -9.96 4.68
CA LEU B 168 3.49 -9.53 4.65
C LEU B 168 4.18 -9.60 3.29
N TRP B 169 3.72 -10.42 2.30
CA TRP B 169 4.42 -10.67 1.09
C TRP B 169 4.82 -9.42 0.28
N PRO B 170 3.88 -8.46 0.05
CA PRO B 170 4.33 -7.38 -0.85
C PRO B 170 5.35 -6.44 -0.16
N LEU B 171 5.32 -6.48 1.16
CA LEU B 171 6.25 -5.65 1.91
C LEU B 171 7.60 -6.34 2.12
N GLN B 172 7.56 -7.56 2.63
CA GLN B 172 8.82 -8.21 2.90
C GLN B 172 9.49 -8.64 1.62
N HIS B 173 8.77 -9.30 0.74
CA HIS B 173 9.33 -9.79 -0.44
C HIS B 173 9.40 -8.80 -1.55
N GLY B 174 8.21 -8.31 -1.91
CA GLY B 174 8.12 -7.40 -3.10
C GLY B 174 8.91 -6.10 -2.93
N THR B 175 9.04 -5.66 -1.66
CA THR B 175 9.77 -4.35 -1.45
C THR B 175 11.13 -4.60 -0.82
N LEU B 176 11.14 -5.16 0.38
CA LEU B 176 12.44 -5.16 1.16
C LEU B 176 13.45 -6.15 0.56
N HIS B 177 13.01 -7.39 0.34
CA HIS B 177 13.96 -8.37 -0.29
C HIS B 177 14.31 -7.95 -1.71
N PHE B 178 13.39 -7.32 -2.47
CA PHE B 178 13.66 -6.83 -3.79
C PHE B 178 14.83 -5.82 -3.83
N CYS B 179 14.89 -5.05 -2.74
CA CYS B 179 15.98 -4.06 -2.59
C CYS B 179 17.22 -4.66 -1.96
N GLY B 180 17.20 -5.95 -1.61
CA GLY B 180 18.45 -6.59 -1.18
C GLY B 180 18.53 -6.70 0.31
N PHE B 181 17.53 -6.17 1.06
CA PHE B 181 17.54 -6.39 2.44
C PHE B 181 17.38 -7.88 2.81
N LYS B 182 18.01 -8.24 3.93
CA LYS B 182 17.56 -9.42 4.62
C LYS B 182 16.51 -8.97 5.63
N VAL B 183 15.53 -9.83 5.86
CA VAL B 183 14.40 -9.47 6.60
C VAL B 183 14.34 -10.23 7.87
N LEU B 184 14.33 -9.52 9.00
CA LEU B 184 14.15 -10.14 10.29
C LEU B 184 12.69 -10.49 10.50
N ALA B 185 12.38 -11.49 11.37
CA ALA B 185 10.99 -11.91 11.59
C ALA B 185 10.15 -10.72 12.06
N PRO B 186 8.95 -10.55 11.52
CA PRO B 186 8.13 -9.45 11.94
C PRO B 186 7.73 -9.43 13.41
N GLN B 187 7.58 -8.22 13.95
CA GLN B 187 6.99 -8.03 15.26
C GLN B 187 5.55 -7.68 15.05
N ILE B 188 4.58 -8.58 15.39
CA ILE B 188 3.19 -8.20 15.19
C ILE B 188 2.50 -8.12 16.53
N SER B 189 2.06 -6.92 16.85
CA SER B 189 1.37 -6.63 18.10
C SER B 189 -0.13 -6.60 17.83
N PHE B 190 -0.80 -7.70 18.17
CA PHE B 190 -2.20 -7.91 17.77
C PHE B 190 -3.21 -7.21 18.66
N ALA B 191 -4.19 -6.61 17.98
CA ALA B 191 -5.36 -6.05 18.65
C ALA B 191 -5.06 -5.35 19.98
N PRO B 192 -4.16 -4.33 19.98
CA PRO B 192 -3.91 -3.66 21.27
C PRO B 192 -5.08 -2.81 21.83
N GLU B 193 -5.97 -2.32 20.95
CA GLU B 193 -7.17 -1.61 21.39
C GLU B 193 -8.08 -2.57 22.18
N ILE B 194 -8.13 -3.84 21.78
CA ILE B 194 -8.96 -4.86 22.46
C ILE B 194 -8.35 -5.27 23.82
N ALA B 195 -7.00 -5.40 23.84
CA ALA B 195 -6.24 -5.82 25.03
C ALA B 195 -6.45 -5.00 26.31
N SER B 196 -6.15 -5.60 27.48
CA SER B 196 -6.18 -4.85 28.75
C SER B 196 -4.99 -3.91 28.82
N GLU B 197 -5.04 -2.95 29.74
CA GLU B 197 -3.85 -2.13 30.01
C GLU B 197 -2.61 -3.01 30.29
N GLU B 198 -2.82 -4.14 30.99
CA GLU B 198 -1.78 -5.12 31.32
C GLU B 198 -1.22 -5.80 30.10
N GLU B 199 -2.09 -6.23 29.20
CA GLU B 199 -1.63 -7.01 28.04
C GLU B 199 -0.88 -6.10 27.07
N ARG B 200 -1.23 -4.80 27.10
CA ARG B 200 -0.54 -3.79 26.31
C ARG B 200 0.86 -3.56 26.81
N LYS B 201 0.99 -3.41 28.12
CA LYS B 201 2.27 -3.36 28.80
C LYS B 201 3.13 -4.52 28.44
N GLY B 202 2.55 -5.70 28.45
CA GLY B 202 3.34 -6.90 28.13
C GLY B 202 3.79 -6.87 26.68
N MET B 203 2.96 -6.36 25.77
CA MET B 203 3.39 -6.36 24.37
C MET B 203 4.54 -5.34 24.13
N VAL B 204 4.52 -4.21 24.80
CA VAL B 204 5.62 -3.20 24.76
C VAL B 204 6.86 -3.83 25.32
N ALA B 205 6.67 -4.58 26.43
CA ALA B 205 7.82 -5.14 27.12
C ALA B 205 8.40 -6.27 26.33
N ALA B 206 7.55 -7.02 25.60
CA ALA B 206 8.00 -8.13 24.82
C ALA B 206 8.87 -7.63 23.63
N TRP B 207 8.49 -6.48 23.10
CA TRP B 207 9.28 -5.82 22.03
C TRP B 207 10.59 -5.31 22.55
N SER B 208 10.57 -4.58 23.65
CA SER B 208 11.81 -4.20 24.31
C SER B 208 12.72 -5.42 24.61
N GLN B 209 12.17 -6.47 25.20
CA GLN B 209 12.92 -7.69 25.44
C GLN B 209 13.53 -8.31 24.17
N ARG B 210 12.75 -8.40 23.07
CA ARG B 210 13.30 -8.89 21.82
C ARG B 210 14.47 -7.99 21.33
N LEU B 211 14.33 -6.67 21.45
CA LEU B 211 15.39 -5.80 21.01
C LEU B 211 16.71 -5.95 21.73
N GLN B 212 16.65 -6.47 22.97
CA GLN B 212 17.91 -6.77 23.70
C GLN B 212 18.84 -7.68 22.94
N THR B 213 18.23 -8.62 22.22
CA THR B 213 19.01 -9.57 21.48
C THR B 213 18.86 -9.53 19.98
N ILE B 214 18.42 -8.39 19.46
CA ILE B 214 18.16 -8.35 18.03
C ILE B 214 19.38 -8.60 17.15
N TRP B 215 20.59 -8.30 17.64
CA TRP B 215 21.77 -8.43 16.78
C TRP B 215 22.22 -9.90 16.71
N LYS B 216 21.59 -10.70 17.57
CA LYS B 216 21.85 -12.22 17.53
C LYS B 216 20.94 -12.89 16.51
N GLU B 217 19.94 -12.18 15.96
CA GLU B 217 18.93 -12.88 15.14
C GLU B 217 19.42 -13.14 13.78
N GLU B 218 18.92 -14.22 13.15
CA GLU B 218 19.14 -14.47 11.80
C GLU B 218 17.85 -14.12 11.01
N PRO B 219 18.00 -13.75 9.77
CA PRO B 219 16.77 -13.35 9.05
C PRO B 219 15.93 -14.55 8.60
N ILE B 220 14.72 -14.26 8.20
CA ILE B 220 13.85 -15.29 7.64
C ILE B 220 14.27 -15.67 6.24
N PRO B 221 13.87 -16.88 5.78
CA PRO B 221 14.07 -17.17 4.38
C PRO B 221 12.87 -16.50 3.67
N CYS B 222 13.10 -15.43 2.94
CA CYS B 222 11.98 -14.57 2.49
C CYS B 222 11.51 -15.12 1.13
N THR B 223 10.87 -16.31 1.26
CA THR B 223 10.39 -17.08 0.07
C THR B 223 8.87 -17.20 0.10
N ALA B 224 8.33 -17.65 -1.04
CA ALA B 224 6.91 -18.04 -1.15
C ALA B 224 6.55 -19.12 -0.12
N HIS B 225 7.40 -20.15 0.06
CA HIS B 225 7.06 -21.12 1.10
C HIS B 225 6.87 -20.56 2.51
N TRP B 226 7.78 -19.64 2.96
CA TRP B 226 7.74 -19.13 4.30
C TRP B 226 6.37 -18.41 4.46
N HIS B 227 6.01 -17.63 3.41
CA HIS B 227 4.78 -16.84 3.54
C HIS B 227 3.45 -17.61 3.37
N PHE B 228 3.50 -18.66 2.52
CA PHE B 228 2.25 -19.28 2.05
C PHE B 228 2.14 -20.78 2.41
N GLY B 229 3.27 -21.45 2.60
CA GLY B 229 3.28 -22.91 2.91
C GLY B 229 3.45 -23.73 1.62
N GLN B 230 3.26 -25.06 1.71
CA GLN B 230 3.38 -26.00 0.51
C GLN B 230 4.78 -26.51 0.02
ZN ZN C . -11.93 -12.31 -0.30
C1 EWQ D . 9.87 -2.80 -9.04
C2 EWQ D . 9.69 -4.03 -9.68
C3 EWQ D . 9.94 -4.11 -11.12
C4 EWQ D . 10.18 -2.89 -11.88
C5 EWQ D . 10.30 -1.68 -11.21
C6 EWQ D . 10.17 -1.67 -9.83
C7 EWQ D . 9.40 -5.27 -8.94
C8 EWQ D . 9.22 -6.44 -9.67
C9 EWQ D . 9.47 -6.47 -11.06
N10 EWQ D . 9.84 -5.36 -11.80
C11 EWQ D . 10.05 -5.46 -13.25
O12 EWQ D . 9.39 -7.53 -11.66
C13 EWQ D . 9.14 -5.23 -7.45
O14 EWQ D . 10.34 -2.99 -13.22
C15 EWQ D . 10.32 -1.80 -13.99
O16 EWQ D . 10.28 -0.42 -9.25
C17 EWQ D . 10.35 -0.31 -7.80
PA FAD E . 3.84 3.43 -20.12
O1A FAD E . 5.35 3.65 -20.01
O2A FAD E . 3.03 4.71 -20.14
O5B FAD E . 3.52 2.43 -21.34
C5B FAD E . 4.50 1.87 -22.18
C4B FAD E . 4.36 2.54 -23.55
O4B FAD E . 3.01 2.52 -24.02
C3B FAD E . 4.76 4.01 -23.49
O3B FAD E . 5.59 4.14 -24.62
C2B FAD E . 3.40 4.73 -23.53
O2B FAD E . 3.36 6.16 -23.71
C1B FAD E . 2.66 3.82 -24.52
N9A FAD E . 1.19 3.90 -24.71
C8A FAD E . 0.28 4.78 -24.16
N7A FAD E . -0.94 4.46 -24.63
C5A FAD E . -0.86 3.41 -25.49
C6A FAD E . -1.79 2.71 -26.29
N6A FAD E . -2.95 3.28 -26.65
N1A FAD E . -1.39 1.66 -27.06
C2A FAD E . -0.05 1.32 -27.11
N3A FAD E . 0.87 2.01 -26.35
C4A FAD E . 0.49 3.05 -25.54
N1 FAD E . 6.43 -3.13 -11.44
C2 FAD E . 6.24 -4.34 -10.94
O2 FAD E . 6.05 -5.27 -11.73
N3 FAD E . 6.22 -4.55 -9.59
C4 FAD E . 6.33 -3.51 -8.67
O4 FAD E . 6.30 -3.76 -7.51
C4X FAD E . 6.61 -2.28 -9.15
N5 FAD E . 6.92 -1.23 -8.24
C5X FAD E . 7.10 -0.01 -8.81
C6 FAD E . 7.29 1.09 -7.92
C7 FAD E . 7.51 2.31 -8.43
C7M FAD E . 7.71 3.33 -7.34
C8 FAD E . 7.48 2.62 -9.79
C8M FAD E . 7.72 4.00 -10.42
C9 FAD E . 7.28 1.56 -10.68
C9A FAD E . 7.11 0.26 -10.20
N10 FAD E . 6.86 -0.78 -11.06
C10 FAD E . 6.61 -2.05 -10.52
C1' FAD E . 6.78 -0.57 -12.57
C2' FAD E . 5.32 -0.11 -12.88
O2' FAD E . 4.36 -0.97 -12.46
C3' FAD E . 5.25 -0.01 -14.42
O3' FAD E . 6.32 0.83 -14.79
C4' FAD E . 3.93 0.54 -15.01
O4' FAD E . 3.03 -0.46 -14.62
C5' FAD E . 3.95 0.78 -16.53
O5' FAD E . 2.67 1.29 -16.97
P FAD E . 2.63 2.86 -17.47
O1P FAD E . 3.38 3.72 -16.38
O2P FAD E . 1.35 3.37 -17.86
O3P FAD E . 3.49 2.50 -18.85
ZN ZN F . 11.59 -12.63 -0.30
C1 EWQ G . -9.89 -2.79 8.94
C2 EWQ G . -9.81 -4.07 9.51
C3 EWQ G . -9.97 -4.20 10.99
C4 EWQ G . -10.15 -3.01 11.81
C5 EWQ G . -10.24 -1.77 11.18
C6 EWQ G . -10.09 -1.71 9.79
C7 EWQ G . -9.56 -5.30 8.69
C8 EWQ G . -9.51 -6.55 9.41
C9 EWQ G . -9.65 -6.64 10.81
N10 EWQ G . -9.88 -5.49 11.59
C11 EWQ G . -10.07 -5.65 13.05
O12 EWQ G . -9.56 -7.76 11.43
C13 EWQ G . -9.43 -5.25 7.16
O14 EWQ G . -10.24 -3.18 13.18
C15 EWQ G . -10.28 -2.06 14.08
O16 EWQ G . -10.17 -0.51 9.16
C17 EWQ G . -10.34 -0.69 7.74
PA FAD H . -3.95 2.63 20.13
O1A FAD H . -3.10 3.86 20.35
O2A FAD H . -5.47 2.92 20.08
O5B FAD H . -3.53 1.63 21.32
C5B FAD H . -4.46 0.91 22.12
C4B FAD H . -4.24 1.43 23.53
O4B FAD H . -2.91 1.25 23.98
C3B FAD H . -4.53 2.94 23.62
O3B FAD H . -5.49 3.13 24.65
C2B FAD H . -3.15 3.55 23.90
O2B FAD H . -3.12 4.78 24.59
C1B FAD H . -2.57 2.40 24.71
N9A FAD H . -1.15 2.55 25.01
C8A FAD H . -0.25 3.41 24.45
N7A FAD H . 0.94 3.19 25.03
C5A FAD H . 0.84 2.21 25.95
C6A FAD H . 1.74 1.60 26.86
N6A FAD H . 3.01 1.99 26.99
N1A FAD H . 1.27 0.59 27.70
C2A FAD H . -0.06 0.19 27.69
N3A FAD H . -0.95 0.79 26.80
C4A FAD H . -0.51 1.79 25.96
N1 FAD H . -6.54 -3.45 11.35
C2 FAD H . -6.37 -4.67 10.81
O2 FAD H . -6.25 -5.67 11.54
N3 FAD H . -6.32 -4.86 9.47
C4 FAD H . -6.43 -3.75 8.60
O4 FAD H . -6.32 -4.02 7.41
C4X FAD H . -6.66 -2.48 9.13
N5 FAD H . -6.93 -1.35 8.32
C5X FAD H . -7.04 -0.15 8.90
C6 FAD H . -7.22 0.98 8.04
C7 FAD H . -7.40 2.23 8.58
C7M FAD H . -7.55 3.31 7.54
C8 FAD H . -7.39 2.47 9.97
C8M FAD H . -7.60 3.81 10.71
C9 FAD H . -7.28 1.33 10.82
C9A FAD H . -7.11 0.05 10.29
N10 FAD H . -6.89 -1.10 11.13
C10 FAD H . -6.70 -2.33 10.51
C1' FAD H . -6.88 -0.95 12.61
C2' FAD H . -5.45 -0.49 13.03
O2' FAD H . -4.46 -1.36 12.50
C3' FAD H . -5.36 -0.51 14.56
O3' FAD H . -6.34 0.45 15.06
C4' FAD H . -3.97 -0.04 15.03
O4' FAD H . -3.15 -1.07 14.61
C5' FAD H . -3.83 -0.10 16.57
O5' FAD H . -2.67 0.68 16.91
P FAD H . -2.60 2.08 17.60
O1P FAD H . -1.33 2.59 17.99
O2P FAD H . -3.42 3.08 16.72
O3P FAD H . -3.43 1.64 18.96
#